data_2IM1
#
_entry.id   2IM1
#
_cell.length_a   128.942
_cell.length_b   128.942
_cell.length_c   112.979
_cell.angle_alpha   90.00
_cell.angle_beta   90.00
_cell.angle_gamma   120.00
#
_symmetry.space_group_name_H-M   'P 65'
#
loop_
_entity.id
_entity.type
_entity.pdbx_description
1 polymer 'poliovirus polymerase'
2 non-polymer 'MANGANESE (II) ION'
3 non-polymer 'SODIUM ION'
4 non-polymer "CYTIDINE-5'-TRIPHOSPHATE"
5 non-polymer 'ACETIC ACID'
6 water water
#
_entity_poly.entity_id   1
_entity_poly.type   'polypeptide(L)'
_entity_poly.pdbx_seq_one_letter_code
;GEIQWMRPSKEVGYPIINAPSKTKLEPSAFHYVFEGVKEPAVLTKNDPRLKTDFEEAIFSKYVGNKITEVDEYMKEAVDH
YAGQLMSLDINTEQM(CAS)LEDAMYGTDGLEALDLSTSAGYPYVAMGKKKRDILNKQTRDTKEMQKLLDTYGINLPLVT
YVKDELRSKTKVEQGKSRLIEASSLNDSVAMRMAFGNLYAAFHKNPGVITGSAVG(CAS)DPDLFWSKIPVLMEEKLFAF
DYTGYDASLSPAWFEALKMVLEKIGFGDRVDYIDYLNHSHHLYKNKTY(CAS)VKGGMPSG(CAS)SGTSIFNSMINNLI
IRTLLLKTYKGIDLDHLKMIAYGDDVIASYPHEVDASLLAQSGKDYGLTMTPADKSATFETVTWENVTFLKRFFRADEKY
PFLIHPVMPMKEIHESIRWTKDPRNTQDHVRSLCLLAWHNGEEEYNKFLAKIRSVPIGRALDLPEYSTLYDRWLDSF
;
_entity_poly.pdbx_strand_id   A
#
# COMPACT_ATOMS: atom_id res chain seq x y z
N GLY A 1 9.92 -9.26 10.75
CA GLY A 1 9.16 -10.39 10.15
C GLY A 1 9.98 -11.67 10.06
N GLU A 2 9.46 -12.73 10.68
CA GLU A 2 10.13 -14.03 10.68
C GLU A 2 9.17 -15.22 10.82
N ILE A 3 9.40 -16.25 10.01
CA ILE A 3 8.59 -17.48 10.02
C ILE A 3 9.09 -18.40 11.12
N GLN A 4 8.20 -18.76 12.03
CA GLN A 4 8.55 -19.62 13.16
C GLN A 4 8.58 -21.10 12.78
N TRP A 5 7.62 -21.51 11.94
CA TRP A 5 7.53 -22.88 11.46
C TRP A 5 6.58 -22.96 10.27
N MET A 6 6.79 -23.97 9.43
CA MET A 6 5.99 -24.19 8.24
C MET A 6 5.88 -25.69 8.00
N ARG A 7 4.70 -26.16 7.63
CA ARG A 7 4.51 -27.59 7.37
C ARG A 7 3.20 -27.90 6.65
N PRO A 8 3.05 -29.16 6.19
CA PRO A 8 1.84 -29.62 5.48
C PRO A 8 0.53 -29.32 6.18
N SER A 9 -0.29 -28.46 5.57
CA SER A 9 -1.59 -28.08 6.13
C SER A 9 -2.50 -29.25 6.45
N LYS A 10 -2.14 -30.44 5.97
CA LYS A 10 -2.95 -31.63 6.22
C LYS A 10 -2.63 -32.13 7.63
N GLU A 11 -1.37 -31.97 8.03
CA GLU A 11 -0.94 -32.36 9.36
C GLU A 11 -1.70 -31.60 10.45
N VAL A 12 -2.37 -30.51 10.11
CA VAL A 12 -3.10 -29.73 11.12
C VAL A 12 -4.56 -29.44 10.77
N GLY A 13 -5.10 -30.17 9.81
CA GLY A 13 -6.50 -30.02 9.44
C GLY A 13 -6.88 -28.91 8.47
N TYR A 14 -5.93 -28.44 7.67
CA TYR A 14 -6.23 -27.39 6.71
C TYR A 14 -6.15 -27.93 5.28
N PRO A 15 -7.17 -27.59 4.48
CA PRO A 15 -7.28 -28.00 3.07
C PRO A 15 -6.27 -27.29 2.20
N ILE A 16 -5.70 -28.00 1.23
CA ILE A 16 -4.74 -27.40 0.31
C ILE A 16 -5.43 -26.24 -0.43
N ILE A 17 -4.72 -25.12 -0.60
CA ILE A 17 -5.26 -23.95 -1.28
C ILE A 17 -4.91 -23.92 -2.77
N ASN A 18 -5.95 -23.88 -3.60
CA ASN A 18 -5.79 -23.83 -5.05
C ASN A 18 -5.60 -22.41 -5.57
N ALA A 19 -4.53 -22.21 -6.32
CA ALA A 19 -4.23 -20.92 -6.91
C ALA A 19 -3.84 -21.12 -8.37
N PRO A 20 -4.59 -20.47 -9.29
CA PRO A 20 -4.30 -20.61 -10.72
C PRO A 20 -2.79 -20.56 -10.98
N SER A 21 -2.30 -21.47 -11.81
CA SER A 21 -0.86 -21.54 -12.10
C SER A 21 -0.49 -20.76 -13.36
N LYS A 22 -1.50 -20.15 -13.98
CA LYS A 22 -1.28 -19.38 -15.20
C LYS A 22 -1.68 -17.91 -15.07
N THR A 23 -0.77 -17.03 -15.45
CA THR A 23 -1.00 -15.59 -15.39
C THR A 23 -2.19 -15.18 -16.25
N LYS A 24 -2.87 -14.09 -15.87
CA LYS A 24 -4.00 -13.61 -16.63
C LYS A 24 -3.58 -12.43 -17.49
N LEU A 25 -2.26 -12.18 -17.51
CA LEU A 25 -1.68 -11.08 -18.26
C LEU A 25 -1.20 -11.52 -19.64
N GLU A 26 -1.81 -10.95 -20.68
CA GLU A 26 -1.42 -11.28 -22.06
C GLU A 26 -1.11 -10.00 -22.80
N PRO A 27 -0.20 -10.06 -23.78
CA PRO A 27 0.16 -8.87 -24.54
C PRO A 27 -1.11 -8.18 -25.01
N SER A 28 -1.11 -6.85 -25.03
CA SER A 28 -2.29 -6.10 -25.44
C SER A 28 -2.15 -5.53 -26.83
N ALA A 29 -3.26 -5.09 -27.39
CA ALA A 29 -3.29 -4.49 -28.71
C ALA A 29 -2.15 -3.49 -28.88
N PHE A 30 -1.69 -2.92 -27.78
CA PHE A 30 -0.63 -1.93 -27.82
C PHE A 30 0.77 -2.43 -27.48
N HIS A 31 0.93 -3.74 -27.37
CA HIS A 31 2.22 -4.33 -27.00
C HIS A 31 3.42 -3.95 -27.88
N TYR A 32 3.21 -3.85 -29.19
CA TYR A 32 4.32 -3.49 -30.08
C TYR A 32 4.37 -2.03 -30.49
N VAL A 33 3.42 -1.23 -30.00
CA VAL A 33 3.39 0.20 -30.33
C VAL A 33 4.11 1.02 -29.26
N PHE A 34 4.40 0.39 -28.12
CA PHE A 34 5.08 1.06 -27.01
C PHE A 34 6.21 0.18 -26.52
N GLU A 35 7.21 0.79 -25.88
CA GLU A 35 8.35 0.05 -25.36
C GLU A 35 8.12 -0.41 -23.93
N GLY A 36 8.67 -1.57 -23.59
CA GLY A 36 8.52 -2.09 -22.24
C GLY A 36 9.42 -3.29 -22.04
N VAL A 37 9.88 -3.49 -20.81
CA VAL A 37 10.76 -4.59 -20.48
C VAL A 37 10.21 -5.50 -19.38
N LYS A 38 9.09 -5.12 -18.78
CA LYS A 38 8.51 -5.94 -17.71
C LYS A 38 7.66 -7.08 -18.27
N GLU A 39 7.55 -8.16 -17.50
CA GLU A 39 6.78 -9.35 -17.88
C GLU A 39 5.98 -9.83 -16.66
N PRO A 40 5.06 -10.78 -16.86
CA PRO A 40 4.27 -11.30 -15.73
C PRO A 40 5.20 -11.94 -14.70
N ALA A 41 4.84 -11.78 -13.42
CA ALA A 41 5.65 -12.31 -12.33
C ALA A 41 5.49 -13.82 -12.24
N VAL A 42 6.54 -14.52 -11.83
CA VAL A 42 6.48 -15.97 -11.70
C VAL A 42 5.36 -16.35 -10.75
N LEU A 43 4.49 -17.25 -11.18
CA LEU A 43 3.37 -17.67 -10.36
C LEU A 43 3.57 -19.06 -9.77
N THR A 44 4.45 -19.85 -10.37
CA THR A 44 4.71 -21.20 -9.88
C THR A 44 6.19 -21.59 -9.92
N LYS A 45 6.49 -22.63 -9.17
CA LYS A 45 7.82 -23.21 -9.02
C LYS A 45 8.47 -23.64 -10.32
N ASN A 46 7.64 -24.07 -11.26
CA ASN A 46 8.10 -24.57 -12.55
C ASN A 46 8.47 -23.54 -13.61
N ASP A 47 8.05 -22.28 -13.44
CA ASP A 47 8.35 -21.27 -14.45
C ASP A 47 9.80 -21.36 -14.95
N PRO A 48 9.96 -21.72 -16.23
CA PRO A 48 11.24 -21.88 -16.92
C PRO A 48 12.17 -20.69 -16.80
N ARG A 49 11.60 -19.53 -16.48
CA ARG A 49 12.40 -18.32 -16.34
C ARG A 49 13.22 -18.28 -15.05
N LEU A 50 12.78 -19.07 -14.06
CA LEU A 50 13.45 -19.12 -12.75
C LEU A 50 14.94 -19.47 -12.79
N LYS A 51 15.65 -18.98 -11.78
CA LYS A 51 17.09 -19.21 -11.62
C LYS A 51 17.44 -19.51 -10.17
N THR A 52 16.41 -19.82 -9.38
CA THR A 52 16.56 -20.15 -7.97
C THR A 52 15.22 -20.65 -7.48
N ASP A 53 15.22 -21.35 -6.36
CA ASP A 53 13.99 -21.89 -5.84
C ASP A 53 12.94 -20.79 -5.61
N PHE A 54 11.73 -21.05 -6.08
CA PHE A 54 10.62 -20.11 -5.94
C PHE A 54 10.24 -19.92 -4.48
N GLU A 55 10.33 -20.98 -3.69
CA GLU A 55 9.99 -20.95 -2.27
C GLU A 55 10.96 -20.08 -1.48
N GLU A 56 12.25 -20.35 -1.66
CA GLU A 56 13.28 -19.59 -0.97
C GLU A 56 13.20 -18.11 -1.32
N ALA A 57 12.63 -17.80 -2.48
CA ALA A 57 12.53 -16.43 -2.94
C ALA A 57 11.31 -15.65 -2.45
N ILE A 58 10.12 -16.21 -2.64
CA ILE A 58 8.94 -15.48 -2.21
C ILE A 58 8.89 -15.27 -0.71
N PHE A 59 9.61 -16.09 0.04
CA PHE A 59 9.60 -15.96 1.50
C PHE A 59 10.82 -15.27 2.08
N SER A 60 11.86 -15.11 1.28
CA SER A 60 13.07 -14.48 1.79
C SER A 60 12.82 -13.06 2.30
N LYS A 61 11.66 -12.50 1.98
CA LYS A 61 11.32 -11.14 2.40
C LYS A 61 11.28 -11.01 3.92
N TYR A 62 11.13 -12.13 4.61
CA TYR A 62 11.10 -12.13 6.08
C TYR A 62 12.51 -12.16 6.70
N VAL A 63 13.26 -11.08 6.47
CA VAL A 63 14.63 -10.94 6.97
C VAL A 63 14.86 -11.18 8.47
N GLY A 64 13.79 -11.23 9.25
CA GLY A 64 13.94 -11.44 10.67
C GLY A 64 13.48 -10.26 11.50
N ASN A 65 13.56 -10.40 12.82
CA ASN A 65 13.15 -9.35 13.72
C ASN A 65 14.38 -8.82 14.42
N LYS A 66 14.72 -7.58 14.13
CA LYS A 66 15.91 -6.96 14.68
C LYS A 66 15.80 -6.42 16.09
N ILE A 67 14.63 -5.92 16.50
CA ILE A 67 14.53 -5.40 17.85
C ILE A 67 13.54 -6.18 18.68
N THR A 68 13.75 -6.20 20.00
CA THR A 68 12.85 -6.94 20.86
C THR A 68 11.89 -6.10 21.68
N GLU A 69 12.41 -5.11 22.39
CA GLU A 69 11.57 -4.25 23.21
C GLU A 69 11.35 -2.87 22.54
N VAL A 70 10.42 -2.11 23.09
CA VAL A 70 10.13 -0.75 22.61
C VAL A 70 11.00 0.14 23.47
N ASP A 71 12.03 0.75 22.89
CA ASP A 71 12.92 1.60 23.67
C ASP A 71 12.41 3.01 23.97
N GLU A 72 13.29 3.80 24.58
CA GLU A 72 12.96 5.17 24.98
C GLU A 72 12.58 6.06 23.82
N TYR A 73 13.37 5.99 22.75
CA TYR A 73 13.13 6.80 21.56
C TYR A 73 11.78 6.45 20.90
N MET A 74 11.47 5.15 20.81
CA MET A 74 10.21 4.74 20.25
C MET A 74 9.08 5.25 21.15
N LYS A 75 9.25 5.10 22.45
CA LYS A 75 8.25 5.58 23.38
C LYS A 75 8.00 7.07 23.18
N GLU A 76 9.05 7.85 22.95
CA GLU A 76 8.84 9.29 22.76
C GLU A 76 8.12 9.50 21.44
N ALA A 77 8.56 8.77 20.41
CA ALA A 77 7.93 8.85 19.11
C ALA A 77 6.43 8.63 19.31
N VAL A 78 6.07 7.57 20.02
CA VAL A 78 4.68 7.24 20.27
C VAL A 78 3.90 8.40 20.88
N ASP A 79 4.44 8.94 21.96
CA ASP A 79 3.80 10.04 22.66
C ASP A 79 3.53 11.23 21.72
N HIS A 80 4.55 11.64 20.97
CA HIS A 80 4.38 12.76 20.06
C HIS A 80 3.35 12.48 18.95
N TYR A 81 3.46 11.32 18.29
CA TYR A 81 2.52 10.99 17.22
C TYR A 81 1.11 10.92 17.79
N ALA A 82 0.95 10.18 18.87
CA ALA A 82 -0.35 10.05 19.52
C ALA A 82 -0.88 11.43 19.89
N GLY A 83 0.03 12.38 20.11
CA GLY A 83 -0.39 13.72 20.45
C GLY A 83 -1.08 14.40 19.29
N GLN A 84 -0.45 14.37 18.10
CA GLN A 84 -1.02 14.98 16.90
C GLN A 84 -2.38 14.37 16.55
N LEU A 85 -2.41 13.04 16.47
CA LEU A 85 -3.64 12.36 16.12
C LEU A 85 -4.76 12.78 17.05
N MET A 86 -4.38 13.17 18.26
CA MET A 86 -5.36 13.59 19.25
C MET A 86 -6.16 14.83 18.83
N SER A 87 -5.55 15.70 18.04
CA SER A 87 -6.21 16.92 17.60
C SER A 87 -7.27 16.67 16.53
N LEU A 88 -7.43 15.41 16.12
CA LEU A 88 -8.42 15.08 15.11
C LEU A 88 -9.76 14.70 15.73
N ASP A 89 -9.80 14.58 17.05
CA ASP A 89 -11.02 14.22 17.73
C ASP A 89 -11.63 12.96 17.14
N ILE A 90 -10.76 12.03 16.76
CA ILE A 90 -11.21 10.79 16.17
C ILE A 90 -12.30 10.12 16.99
N ASN A 91 -13.45 9.90 16.36
CA ASN A 91 -14.57 9.23 17.02
C ASN A 91 -14.09 7.84 17.41
N THR A 92 -13.98 7.59 18.70
CA THR A 92 -13.47 6.32 19.19
C THR A 92 -14.47 5.16 19.26
N GLU A 93 -15.72 5.43 18.88
CA GLU A 93 -16.78 4.41 18.91
C GLU A 93 -16.50 3.20 18.03
N GLN A 94 -17.47 2.29 18.00
CA GLN A 94 -17.35 1.11 17.17
C GLN A 94 -18.16 1.43 15.92
N MET A 95 -18.05 0.60 14.90
CA MET A 95 -18.81 0.85 13.68
C MET A 95 -19.88 -0.21 13.51
N LEU A 97 -22.16 -2.94 12.24
CA LEU A 97 -21.95 -3.96 11.22
C LEU A 97 -22.36 -3.55 9.81
N GLU A 98 -23.42 -2.77 9.69
CA GLU A 98 -23.88 -2.33 8.37
C GLU A 98 -22.80 -1.48 7.71
N ASP A 99 -22.60 -0.26 8.22
CA ASP A 99 -21.59 0.65 7.69
C ASP A 99 -20.25 -0.03 7.39
N ALA A 100 -19.80 -0.90 8.29
CA ALA A 100 -18.54 -1.60 8.07
C ALA A 100 -18.58 -2.41 6.78
N MET A 101 -19.77 -2.92 6.46
CA MET A 101 -19.96 -3.73 5.26
C MET A 101 -20.21 -2.93 3.98
N TYR A 102 -21.15 -1.99 4.03
CA TYR A 102 -21.51 -1.20 2.84
C TYR A 102 -21.12 0.28 2.88
N GLY A 103 -20.06 0.59 3.60
CA GLY A 103 -19.57 1.95 3.68
C GLY A 103 -20.38 3.03 4.38
N THR A 104 -19.80 4.22 4.42
CA THR A 104 -20.37 5.42 5.03
C THR A 104 -19.33 6.51 4.76
N ASP A 105 -19.64 7.77 5.08
CA ASP A 105 -18.67 8.85 4.82
C ASP A 105 -17.30 8.50 5.38
N GLY A 106 -16.27 8.67 4.55
CA GLY A 106 -14.91 8.37 4.99
C GLY A 106 -14.48 6.92 4.86
N LEU A 107 -15.39 6.04 4.43
CA LEU A 107 -15.04 4.62 4.29
C LEU A 107 -15.86 3.98 3.18
N GLU A 108 -15.20 3.30 2.24
CA GLU A 108 -15.90 2.67 1.15
C GLU A 108 -16.42 1.31 1.57
N ALA A 109 -17.29 0.74 0.75
CA ALA A 109 -17.87 -0.57 1.05
C ALA A 109 -16.81 -1.62 0.77
N LEU A 110 -16.98 -2.81 1.33
CA LEU A 110 -16.04 -3.90 1.11
C LEU A 110 -15.87 -4.16 -0.38
N ASP A 111 -14.70 -4.65 -0.78
CA ASP A 111 -14.46 -4.93 -2.18
C ASP A 111 -14.87 -6.35 -2.53
N LEU A 112 -15.70 -6.50 -3.56
CA LEU A 112 -16.23 -7.79 -3.98
C LEU A 112 -15.35 -8.62 -4.93
N SER A 113 -14.18 -8.11 -5.28
CA SER A 113 -13.30 -8.83 -6.20
C SER A 113 -12.18 -9.59 -5.50
N THR A 114 -11.82 -9.15 -4.28
CA THR A 114 -10.75 -9.81 -3.53
C THR A 114 -11.24 -11.07 -2.82
N SER A 115 -10.35 -12.06 -2.74
CA SER A 115 -10.64 -13.34 -2.09
C SER A 115 -11.51 -13.19 -0.85
N ALA A 116 -12.32 -14.20 -0.58
CA ALA A 116 -13.19 -14.20 0.59
C ALA A 116 -12.37 -14.80 1.72
N GLY A 117 -11.25 -15.42 1.35
CA GLY A 117 -10.37 -16.02 2.32
C GLY A 117 -10.97 -17.24 2.99
N TYR A 118 -10.15 -17.92 3.78
CA TYR A 118 -10.57 -19.13 4.50
C TYR A 118 -11.72 -18.79 5.46
N PRO A 119 -12.67 -19.71 5.64
CA PRO A 119 -12.76 -21.03 5.01
C PRO A 119 -13.41 -20.96 3.63
N TYR A 120 -14.28 -19.98 3.46
CA TYR A 120 -15.03 -19.75 2.23
C TYR A 120 -14.28 -20.11 0.95
N VAL A 121 -13.00 -19.76 0.88
CA VAL A 121 -12.23 -20.05 -0.32
C VAL A 121 -12.09 -21.55 -0.57
N ALA A 122 -12.09 -22.33 0.50
CA ALA A 122 -11.97 -23.78 0.38
C ALA A 122 -13.32 -24.48 0.38
N MET A 123 -14.39 -23.72 0.67
CA MET A 123 -15.75 -24.26 0.68
C MET A 123 -16.44 -23.97 -0.64
N GLY A 124 -16.01 -22.89 -1.29
CA GLY A 124 -16.58 -22.51 -2.57
C GLY A 124 -17.44 -21.25 -2.55
N LYS A 125 -17.81 -20.78 -1.37
CA LYS A 125 -18.67 -19.60 -1.24
C LYS A 125 -17.89 -18.30 -1.51
N LYS A 126 -18.41 -17.45 -2.39
CA LYS A 126 -17.78 -16.17 -2.74
C LYS A 126 -18.36 -15.00 -1.97
N LYS A 127 -17.85 -13.79 -2.23
CA LYS A 127 -18.31 -12.59 -1.54
C LYS A 127 -19.71 -12.14 -1.97
N ARG A 128 -20.12 -12.47 -3.19
CA ARG A 128 -21.43 -12.08 -3.66
C ARG A 128 -22.51 -12.93 -2.97
N ASP A 129 -22.09 -14.11 -2.49
CA ASP A 129 -23.00 -15.03 -1.79
C ASP A 129 -23.46 -14.50 -0.44
N ILE A 130 -22.61 -13.74 0.23
CA ILE A 130 -22.92 -13.20 1.55
C ILE A 130 -23.44 -11.76 1.51
N LEU A 131 -22.66 -10.88 0.90
CA LEU A 131 -23.02 -9.48 0.77
C LEU A 131 -24.11 -9.32 -0.26
N ASN A 132 -24.54 -8.07 -0.42
CA ASN A 132 -25.58 -7.71 -1.37
C ASN A 132 -25.86 -6.22 -1.21
N LYS A 133 -25.20 -5.42 -2.05
CA LYS A 133 -25.30 -3.96 -2.03
C LYS A 133 -26.71 -3.41 -1.84
N GLN A 134 -27.68 -4.06 -2.48
CA GLN A 134 -29.08 -3.65 -2.44
C GLN A 134 -29.74 -3.39 -1.07
N THR A 135 -29.73 -4.39 -0.18
CA THR A 135 -30.38 -4.26 1.12
C THR A 135 -29.46 -3.92 2.27
N ARG A 136 -28.17 -4.21 2.12
CA ARG A 136 -27.23 -3.96 3.19
C ARG A 136 -27.63 -4.92 4.31
N ASP A 137 -27.87 -6.17 3.94
CA ASP A 137 -28.28 -7.18 4.89
C ASP A 137 -27.13 -7.72 5.75
N THR A 138 -27.22 -7.45 7.05
CA THR A 138 -26.22 -7.89 8.02
C THR A 138 -26.36 -9.39 8.28
N LYS A 139 -27.60 -9.85 8.32
CA LYS A 139 -27.96 -11.25 8.59
C LYS A 139 -26.97 -12.32 8.12
N GLU A 140 -26.88 -12.56 6.82
CA GLU A 140 -25.97 -13.57 6.30
C GLU A 140 -24.57 -13.43 6.90
N MET A 141 -24.07 -12.19 7.00
CA MET A 141 -22.75 -11.94 7.57
C MET A 141 -22.83 -12.21 9.07
N GLN A 142 -23.63 -11.39 9.75
CA GLN A 142 -23.84 -11.48 11.19
C GLN A 142 -23.91 -12.93 11.67
N LYS A 143 -24.51 -13.78 10.85
CA LYS A 143 -24.65 -15.20 11.15
C LYS A 143 -23.31 -15.90 11.00
N LEU A 144 -22.68 -15.70 9.83
CA LEU A 144 -21.39 -16.32 9.52
C LEU A 144 -20.26 -16.01 10.51
N LEU A 145 -20.36 -14.86 11.17
CA LEU A 145 -19.35 -14.47 12.15
C LEU A 145 -19.41 -15.43 13.34
N ASP A 146 -20.63 -15.68 13.80
CA ASP A 146 -20.85 -16.58 14.93
C ASP A 146 -20.41 -18.00 14.58
N THR A 147 -20.66 -18.40 13.34
CA THR A 147 -20.31 -19.74 12.90
C THR A 147 -18.81 -20.03 12.88
N TYR A 148 -18.04 -19.23 12.14
CA TYR A 148 -16.60 -19.47 12.04
C TYR A 148 -15.70 -18.63 12.95
N GLY A 149 -16.26 -17.59 13.56
CA GLY A 149 -15.52 -16.74 14.47
C GLY A 149 -14.30 -16.02 13.93
N ILE A 150 -14.09 -14.78 14.38
CA ILE A 150 -12.96 -13.97 13.91
C ILE A 150 -11.58 -14.58 14.15
N ASN A 151 -10.56 -13.81 13.84
CA ASN A 151 -9.17 -14.23 13.97
C ASN A 151 -8.99 -15.55 13.23
N LEU A 152 -9.12 -15.50 11.91
CA LEU A 152 -8.98 -16.66 11.02
C LEU A 152 -7.77 -16.54 10.12
N PRO A 153 -7.16 -17.68 9.78
CA PRO A 153 -5.97 -17.78 8.92
C PRO A 153 -5.99 -16.91 7.69
N LEU A 154 -4.80 -16.56 7.23
CA LEU A 154 -4.67 -15.73 6.05
C LEU A 154 -4.31 -16.64 4.89
N VAL A 155 -5.00 -16.46 3.76
CA VAL A 155 -4.74 -17.26 2.58
C VAL A 155 -3.69 -16.53 1.74
N THR A 156 -2.59 -17.20 1.45
CA THR A 156 -1.52 -16.58 0.69
C THR A 156 -1.47 -16.93 -0.79
N TYR A 157 -1.66 -15.91 -1.63
CA TYR A 157 -1.64 -16.02 -3.09
C TYR A 157 -0.44 -15.29 -3.67
N VAL A 158 0.13 -15.79 -4.77
CA VAL A 158 1.24 -15.05 -5.40
C VAL A 158 0.54 -13.97 -6.24
N LYS A 159 1.04 -12.74 -6.19
CA LYS A 159 0.39 -11.67 -6.93
C LYS A 159 0.69 -11.68 -8.42
N ASP A 160 -0.38 -11.67 -9.21
CA ASP A 160 -0.30 -11.69 -10.67
C ASP A 160 -0.14 -10.27 -11.21
N GLU A 161 1.10 -9.88 -11.49
CA GLU A 161 1.38 -8.53 -11.94
C GLU A 161 2.68 -8.45 -12.75
N LEU A 162 2.97 -7.27 -13.31
CA LEU A 162 4.19 -7.08 -14.08
C LEU A 162 5.38 -6.84 -13.16
N ARG A 163 6.55 -7.36 -13.54
CA ARG A 163 7.75 -7.21 -12.74
C ARG A 163 8.95 -7.14 -13.67
N SER A 164 10.03 -6.52 -13.22
CA SER A 164 11.23 -6.43 -14.05
C SER A 164 11.77 -7.83 -14.32
N LYS A 165 12.62 -7.96 -15.34
CA LYS A 165 13.19 -9.26 -15.68
C LYS A 165 13.91 -9.87 -14.47
N THR A 166 14.83 -9.10 -13.89
CA THR A 166 15.58 -9.57 -12.73
C THR A 166 14.68 -10.12 -11.65
N LYS A 167 13.70 -9.33 -11.25
CA LYS A 167 12.79 -9.78 -10.22
C LYS A 167 11.98 -11.00 -10.66
N VAL A 168 12.09 -11.35 -11.94
CA VAL A 168 11.39 -12.52 -12.47
C VAL A 168 12.31 -13.73 -12.37
N GLU A 169 13.57 -13.52 -12.74
CA GLU A 169 14.58 -14.56 -12.69
C GLU A 169 14.93 -14.93 -11.26
N GLN A 170 14.97 -13.94 -10.37
CA GLN A 170 15.29 -14.22 -8.97
C GLN A 170 14.04 -14.61 -8.17
N GLY A 171 12.96 -14.88 -8.89
CA GLY A 171 11.72 -15.29 -8.25
C GLY A 171 11.13 -14.32 -7.24
N LYS A 172 11.54 -13.05 -7.30
CA LYS A 172 11.05 -12.04 -6.39
C LYS A 172 9.58 -11.66 -6.63
N SER A 173 8.71 -12.65 -6.67
CA SER A 173 7.29 -12.36 -6.89
C SER A 173 6.73 -11.87 -5.57
N ARG A 174 5.58 -11.24 -5.58
CA ARG A 174 5.00 -10.76 -4.34
C ARG A 174 3.76 -11.54 -3.95
N LEU A 175 3.58 -11.74 -2.65
CA LEU A 175 2.47 -12.51 -2.13
C LEU A 175 1.35 -11.63 -1.61
N ILE A 176 0.14 -12.17 -1.60
CA ILE A 176 -1.03 -11.47 -1.12
C ILE A 176 -1.60 -12.25 0.05
N GLU A 177 -1.38 -11.74 1.26
CA GLU A 177 -1.89 -12.40 2.46
C GLU A 177 -3.32 -11.94 2.76
N ALA A 178 -4.31 -12.70 2.28
CA ALA A 178 -5.72 -12.35 2.44
C ALA A 178 -6.41 -12.78 3.73
N SER A 179 -7.16 -11.84 4.31
CA SER A 179 -7.89 -12.10 5.54
C SER A 179 -9.34 -12.53 5.26
N SER A 180 -9.85 -13.43 6.08
CA SER A 180 -11.22 -13.90 5.91
C SER A 180 -12.16 -12.70 5.94
N LEU A 181 -13.32 -12.84 5.30
CA LEU A 181 -14.29 -11.77 5.28
C LEU A 181 -14.61 -11.39 6.72
N ASN A 182 -14.66 -12.38 7.60
CA ASN A 182 -14.95 -12.15 9.01
C ASN A 182 -13.96 -11.16 9.61
N ASP A 183 -12.68 -11.53 9.64
CA ASP A 183 -11.64 -10.68 10.18
C ASP A 183 -11.77 -9.28 9.63
N SER A 184 -11.83 -9.19 8.30
CA SER A 184 -11.95 -7.91 7.63
C SER A 184 -13.15 -7.11 8.14
N VAL A 185 -14.28 -7.76 8.38
CA VAL A 185 -15.47 -7.08 8.86
C VAL A 185 -15.34 -6.67 10.32
N ALA A 186 -14.74 -7.56 11.11
CA ALA A 186 -14.52 -7.31 12.53
C ALA A 186 -13.71 -6.03 12.66
N MET A 187 -12.54 -6.02 12.03
CA MET A 187 -11.64 -4.89 12.08
C MET A 187 -12.26 -3.59 11.61
N ARG A 188 -13.07 -3.66 10.55
CA ARG A 188 -13.68 -2.44 10.04
C ARG A 188 -14.71 -1.92 11.03
N MET A 189 -15.19 -2.78 11.91
CA MET A 189 -16.16 -2.37 12.91
C MET A 189 -15.36 -1.80 14.08
N ALA A 190 -14.27 -2.48 14.39
CA ALA A 190 -13.39 -2.06 15.47
C ALA A 190 -12.70 -0.73 15.19
N PHE A 191 -12.07 -0.64 14.02
CA PHE A 191 -11.33 0.56 13.64
C PHE A 191 -11.96 1.42 12.55
N GLY A 192 -13.18 1.09 12.19
CA GLY A 192 -13.88 1.83 11.15
C GLY A 192 -13.80 3.34 11.19
N ASN A 193 -14.07 3.94 12.34
CA ASN A 193 -14.03 5.39 12.44
C ASN A 193 -12.61 5.92 12.32
N LEU A 194 -11.64 5.12 12.73
CA LEU A 194 -10.25 5.52 12.62
C LEU A 194 -9.97 5.69 11.14
N TYR A 195 -10.34 4.67 10.37
CA TYR A 195 -10.14 4.69 8.92
C TYR A 195 -10.76 5.93 8.31
N ALA A 196 -12.02 6.17 8.63
CA ALA A 196 -12.72 7.33 8.10
C ALA A 196 -11.99 8.64 8.41
N ALA A 197 -11.51 8.79 9.64
CA ALA A 197 -10.81 10.02 10.01
C ALA A 197 -9.54 10.19 9.18
N PHE A 198 -8.87 9.09 8.89
CA PHE A 198 -7.64 9.14 8.11
C PHE A 198 -7.93 9.46 6.66
N HIS A 199 -8.91 8.78 6.08
CA HIS A 199 -9.29 8.99 4.69
C HIS A 199 -9.68 10.43 4.46
N LYS A 200 -10.36 11.02 5.44
CA LYS A 200 -10.82 12.41 5.33
C LYS A 200 -9.79 13.47 5.69
N ASN A 201 -8.64 13.06 6.20
CA ASN A 201 -7.62 14.02 6.59
C ASN A 201 -6.21 13.72 6.09
N PRO A 202 -6.06 13.48 4.79
CA PRO A 202 -4.69 13.20 4.36
C PRO A 202 -3.88 14.47 4.63
N GLY A 203 -2.65 14.28 5.07
CA GLY A 203 -1.80 15.43 5.36
C GLY A 203 -0.79 15.16 6.44
N VAL A 204 -0.24 16.23 6.98
CA VAL A 204 0.77 16.13 8.02
C VAL A 204 0.23 15.98 9.43
N ILE A 205 -1.08 15.94 9.60
CA ILE A 205 -1.60 15.76 10.95
C ILE A 205 -1.75 14.28 11.17
N THR A 206 -2.09 13.56 10.11
CA THR A 206 -2.23 12.11 10.22
C THR A 206 -0.91 11.57 9.71
N GLY A 207 -0.21 12.37 8.92
CA GLY A 207 1.06 11.93 8.37
C GLY A 207 0.79 10.77 7.45
N SER A 208 -0.39 10.79 6.84
CA SER A 208 -0.80 9.75 5.91
C SER A 208 -1.41 10.37 4.68
N ALA A 209 -1.34 9.64 3.58
CA ALA A 209 -1.89 10.13 2.34
C ALA A 209 -3.00 9.17 1.86
N VAL A 210 -3.25 8.14 2.64
CA VAL A 210 -4.27 7.17 2.28
C VAL A 210 -5.61 7.84 2.00
N GLY A 211 -6.25 7.43 0.90
CA GLY A 211 -7.54 7.98 0.51
C GLY A 211 -7.45 9.28 -0.26
N ASP A 213 -6.42 12.09 -3.31
CA ASP A 213 -6.65 12.21 -4.74
C ASP A 213 -5.52 13.08 -5.28
N PRO A 214 -4.48 12.45 -5.85
CA PRO A 214 -3.31 13.16 -6.39
C PRO A 214 -3.56 14.44 -7.18
N ASP A 215 -4.58 14.47 -8.02
CA ASP A 215 -4.85 15.66 -8.81
C ASP A 215 -5.15 16.90 -7.96
N LEU A 216 -5.61 16.68 -6.73
CA LEU A 216 -5.91 17.80 -5.85
C LEU A 216 -4.86 17.96 -4.76
N PHE A 217 -4.49 16.84 -4.15
CA PHE A 217 -3.54 16.80 -3.06
C PHE A 217 -2.16 17.37 -3.37
N TRP A 218 -1.60 17.08 -4.54
CA TRP A 218 -0.27 17.59 -4.87
C TRP A 218 -0.10 19.09 -4.67
N SER A 219 -1.18 19.85 -4.84
CA SER A 219 -1.09 21.30 -4.67
C SER A 219 -1.09 21.72 -3.20
N LYS A 220 -1.56 20.83 -2.33
CA LYS A 220 -1.62 21.08 -0.89
C LYS A 220 -0.37 20.63 -0.16
N ILE A 221 0.43 19.75 -0.76
CA ILE A 221 1.61 19.25 -0.09
C ILE A 221 2.74 20.25 0.14
N PRO A 222 3.22 20.93 -0.91
CA PRO A 222 4.32 21.88 -0.71
C PRO A 222 4.09 22.84 0.44
N VAL A 223 2.86 23.31 0.57
CA VAL A 223 2.48 24.24 1.62
C VAL A 223 2.62 23.62 3.01
N LEU A 224 2.36 22.32 3.12
CA LEU A 224 2.44 21.61 4.38
C LEU A 224 3.87 21.29 4.85
N MET A 225 4.79 21.13 3.90
CA MET A 225 6.17 20.79 4.22
C MET A 225 7.00 21.94 4.81
N GLU A 226 8.05 21.57 5.53
CA GLU A 226 8.96 22.54 6.11
C GLU A 226 9.96 22.90 5.02
N GLU A 227 10.91 23.75 5.35
CA GLU A 227 11.94 24.22 4.43
C GLU A 227 12.79 23.14 3.75
N LYS A 228 13.32 22.20 4.53
CA LYS A 228 14.17 21.15 3.98
C LYS A 228 13.51 19.77 3.90
N LEU A 229 13.48 19.21 2.69
CA LEU A 229 12.88 17.91 2.43
C LEU A 229 13.91 16.79 2.50
N PHE A 230 13.48 15.63 3.01
CA PHE A 230 14.35 14.46 3.06
C PHE A 230 13.47 13.26 2.77
N ALA A 231 14.02 12.25 2.10
CA ALA A 231 13.26 11.05 1.75
C ALA A 231 14.13 9.82 1.59
N PHE A 232 13.47 8.67 1.48
CA PHE A 232 14.15 7.39 1.25
C PHE A 232 13.09 6.30 1.13
N ASP A 233 13.47 5.19 0.51
CA ASP A 233 12.54 4.08 0.37
C ASP A 233 13.11 2.95 1.16
N TYR A 234 12.24 2.05 1.58
CA TYR A 234 12.64 0.88 2.34
C TYR A 234 12.67 -0.28 1.39
N THR A 235 13.30 -1.36 1.83
CA THR A 235 13.35 -2.57 1.06
C THR A 235 12.65 -3.57 1.98
N GLY A 236 11.57 -4.17 1.49
CA GLY A 236 10.82 -5.13 2.29
C GLY A 236 10.25 -4.51 3.56
N TYR A 237 9.76 -3.28 3.46
CA TYR A 237 9.20 -2.61 4.62
C TYR A 237 8.25 -3.52 5.37
N ASP A 238 7.12 -3.83 4.76
CA ASP A 238 6.10 -4.68 5.37
C ASP A 238 6.61 -5.91 6.11
N ALA A 239 7.47 -6.69 5.45
CA ALA A 239 7.99 -7.92 6.07
C ALA A 239 9.11 -7.70 7.08
N SER A 240 9.69 -6.51 7.10
CA SER A 240 10.79 -6.24 8.02
C SER A 240 10.33 -5.80 9.41
N LEU A 241 9.13 -5.26 9.49
CA LEU A 241 8.62 -4.78 10.77
C LEU A 241 8.72 -5.83 11.87
N SER A 242 9.35 -5.48 12.98
CA SER A 242 9.48 -6.38 14.12
C SER A 242 8.29 -6.19 15.04
N PRO A 243 7.99 -7.18 15.88
CA PRO A 243 6.87 -7.12 16.83
C PRO A 243 6.83 -5.81 17.62
N ALA A 244 7.99 -5.34 18.06
CA ALA A 244 8.02 -4.10 18.82
C ALA A 244 7.32 -2.92 18.12
N TRP A 245 7.41 -2.84 16.79
CA TRP A 245 6.75 -1.74 16.08
C TRP A 245 5.23 -1.86 16.16
N PHE A 246 4.73 -3.09 16.30
CA PHE A 246 3.29 -3.30 16.43
C PHE A 246 2.86 -2.89 17.84
N GLU A 247 3.73 -3.11 18.83
CA GLU A 247 3.42 -2.73 20.21
C GLU A 247 3.36 -1.21 20.28
N ALA A 248 4.33 -0.56 19.65
CA ALA A 248 4.35 0.90 19.64
C ALA A 248 3.02 1.34 19.03
N LEU A 249 2.60 0.65 17.98
CA LEU A 249 1.33 0.98 17.32
C LEU A 249 0.16 0.86 18.29
N LYS A 250 0.10 -0.25 19.03
CA LYS A 250 -0.96 -0.45 20.02
C LYS A 250 -0.92 0.65 21.08
N MET A 251 0.27 1.13 21.41
CA MET A 251 0.41 2.18 22.40
C MET A 251 -0.21 3.45 21.88
N VAL A 252 -0.11 3.67 20.57
CA VAL A 252 -0.70 4.87 19.99
C VAL A 252 -2.21 4.71 20.01
N LEU A 253 -2.69 3.54 19.59
CA LEU A 253 -4.12 3.25 19.55
C LEU A 253 -4.73 3.39 20.93
N GLU A 254 -4.00 2.92 21.94
CA GLU A 254 -4.41 2.97 23.34
C GLU A 254 -4.57 4.45 23.75
N LYS A 255 -3.57 5.26 23.46
CA LYS A 255 -3.60 6.67 23.81
C LYS A 255 -4.67 7.50 23.14
N ILE A 256 -5.28 7.02 22.06
CA ILE A 256 -6.33 7.81 21.40
C ILE A 256 -7.75 7.26 21.51
N GLY A 257 -7.94 6.25 22.37
CA GLY A 257 -9.27 5.71 22.58
C GLY A 257 -9.59 4.36 21.99
N PHE A 258 -8.57 3.57 21.65
CA PHE A 258 -8.83 2.27 21.08
C PHE A 258 -8.18 1.13 21.85
N GLY A 259 -7.82 1.40 23.11
CA GLY A 259 -7.20 0.35 23.93
C GLY A 259 -8.07 -0.89 23.86
N ASP A 260 -9.37 -0.66 23.67
CA ASP A 260 -10.38 -1.70 23.55
C ASP A 260 -9.93 -2.90 22.72
N ARG A 261 -9.79 -2.65 21.42
CA ARG A 261 -9.43 -3.70 20.49
C ARG A 261 -8.02 -3.73 19.94
N VAL A 262 -7.04 -3.41 20.78
CA VAL A 262 -5.66 -3.45 20.34
C VAL A 262 -5.24 -4.89 20.13
N ASP A 263 -6.16 -5.80 20.41
CA ASP A 263 -5.90 -7.23 20.26
C ASP A 263 -5.75 -7.57 18.78
N TYR A 264 -6.58 -6.94 17.96
CA TYR A 264 -6.56 -7.17 16.53
C TYR A 264 -5.16 -6.94 15.98
N ILE A 265 -4.49 -5.92 16.51
CA ILE A 265 -3.15 -5.62 16.05
C ILE A 265 -2.28 -6.84 16.32
N ASP A 266 -2.63 -7.62 17.33
CA ASP A 266 -1.85 -8.81 17.64
C ASP A 266 -1.87 -9.83 16.50
N TYR A 267 -3.00 -9.98 15.82
CA TYR A 267 -3.06 -10.94 14.73
C TYR A 267 -2.29 -10.52 13.48
N LEU A 268 -2.18 -9.21 13.28
CA LEU A 268 -1.41 -8.70 12.15
C LEU A 268 0.03 -9.09 12.46
N ASN A 269 0.44 -8.86 13.71
CA ASN A 269 1.80 -9.15 14.17
C ASN A 269 2.16 -10.63 14.25
N HIS A 270 1.40 -11.40 15.02
CA HIS A 270 1.65 -12.84 15.14
C HIS A 270 0.57 -13.49 14.30
N SER A 271 0.91 -13.90 13.08
CA SER A 271 -0.12 -14.44 12.21
C SER A 271 0.00 -15.85 11.63
N HIS A 272 -1.17 -16.42 11.37
CA HIS A 272 -1.37 -17.75 10.84
C HIS A 272 -1.64 -17.73 9.31
N HIS A 273 -0.78 -18.39 8.54
CA HIS A 273 -0.91 -18.39 7.06
C HIS A 273 -1.01 -19.74 6.33
N LEU A 274 -1.80 -19.72 5.24
CA LEU A 274 -2.00 -20.89 4.36
C LEU A 274 -1.57 -20.57 2.92
N TYR A 275 -0.53 -21.24 2.44
CA TYR A 275 -0.05 -21.05 1.08
C TYR A 275 -0.01 -22.40 0.40
N LYS A 276 -0.87 -22.60 -0.60
CA LYS A 276 -0.94 -23.86 -1.34
C LYS A 276 -1.30 -24.99 -0.38
N ASN A 277 -0.40 -25.95 -0.22
CA ASN A 277 -0.60 -27.11 0.65
C ASN A 277 0.09 -26.96 2.02
N LYS A 278 1.03 -26.03 2.12
CA LYS A 278 1.75 -25.79 3.36
C LYS A 278 1.07 -24.78 4.29
N THR A 279 1.47 -24.80 5.56
CA THR A 279 0.95 -23.88 6.57
C THR A 279 2.12 -23.34 7.41
N TYR A 280 2.05 -22.06 7.77
CA TYR A 280 3.11 -21.48 8.56
C TYR A 280 2.63 -20.40 9.51
N VAL A 282 3.84 -16.78 11.33
CA VAL A 282 4.78 -15.66 11.22
C VAL A 282 4.77 -14.71 12.43
N LYS A 283 5.96 -14.50 12.99
CA LYS A 283 6.17 -13.57 14.12
C LYS A 283 6.64 -12.24 13.52
N GLY A 284 5.81 -11.21 13.62
CA GLY A 284 6.16 -9.92 13.05
C GLY A 284 5.78 -9.86 11.58
N GLY A 285 5.85 -8.66 10.99
CA GLY A 285 5.50 -8.51 9.59
C GLY A 285 4.06 -8.08 9.37
N MET A 286 3.85 -7.07 8.54
CA MET A 286 2.50 -6.61 8.27
C MET A 286 1.97 -7.37 7.06
N PRO A 287 0.85 -8.11 7.24
CA PRO A 287 0.26 -8.88 6.14
C PRO A 287 -0.25 -7.87 5.13
N SER A 288 -0.33 -8.23 3.86
CA SER A 288 -0.79 -7.29 2.85
C SER A 288 -2.31 -7.11 2.70
N GLY A 289 -3.06 -8.19 2.79
CA GLY A 289 -4.50 -8.08 2.60
C GLY A 289 -5.46 -7.97 3.77
N SER A 291 -7.77 -5.40 6.63
CA SER A 291 -8.42 -4.11 6.62
C SER A 291 -7.65 -3.17 7.55
N GLY A 292 -6.97 -2.21 6.94
CA GLY A 292 -6.16 -1.27 7.69
C GLY A 292 -4.69 -1.42 7.39
N THR A 293 -4.32 -2.48 6.67
CA THR A 293 -2.90 -2.70 6.32
C THR A 293 -2.24 -1.39 5.89
N SER A 294 -2.88 -0.74 4.96
CA SER A 294 -2.42 0.51 4.42
C SER A 294 -2.23 1.60 5.50
N ILE A 295 -3.27 1.80 6.29
CA ILE A 295 -3.24 2.82 7.35
C ILE A 295 -2.29 2.49 8.49
N PHE A 296 -2.28 1.24 8.92
CA PHE A 296 -1.42 0.83 10.01
C PHE A 296 0.04 0.91 9.62
N ASN A 297 0.33 0.70 8.34
CA ASN A 297 1.71 0.81 7.88
C ASN A 297 2.15 2.27 7.92
N SER A 298 1.21 3.18 7.63
CA SER A 298 1.50 4.61 7.62
C SER A 298 1.73 5.13 9.04
N MET A 299 0.99 4.57 9.98
CA MET A 299 1.11 4.98 11.37
C MET A 299 2.46 4.53 11.90
N ILE A 300 2.84 3.30 11.56
CA ILE A 300 4.11 2.79 12.01
C ILE A 300 5.22 3.62 11.36
N ASN A 301 5.02 4.02 10.11
CA ASN A 301 6.02 4.83 9.41
C ASN A 301 6.20 6.15 10.15
N ASN A 302 5.12 6.73 10.63
CA ASN A 302 5.20 7.97 11.36
C ASN A 302 6.00 7.74 12.64
N LEU A 303 5.92 6.53 13.20
CA LEU A 303 6.66 6.20 14.41
C LEU A 303 8.14 5.98 14.09
N ILE A 304 8.43 5.29 12.99
CA ILE A 304 9.81 5.02 12.59
C ILE A 304 10.62 6.30 12.36
N ILE A 305 10.14 7.18 11.49
CA ILE A 305 10.84 8.43 11.18
C ILE A 305 11.07 9.19 12.50
N ARG A 306 10.04 9.33 13.32
CA ARG A 306 10.19 10.02 14.60
C ARG A 306 11.30 9.37 15.43
N THR A 307 11.22 8.04 15.57
CA THR A 307 12.22 7.33 16.34
C THR A 307 13.63 7.61 15.84
N LEU A 308 13.90 7.31 14.58
CA LEU A 308 15.25 7.55 14.03
C LEU A 308 15.77 8.98 14.23
N LEU A 309 14.86 9.95 14.24
CA LEU A 309 15.22 11.36 14.41
C LEU A 309 15.55 11.66 15.87
N LEU A 310 14.81 11.05 16.78
CA LEU A 310 15.04 11.26 18.21
C LEU A 310 16.34 10.59 18.66
N LYS A 311 16.71 9.50 18.01
CA LYS A 311 17.92 8.80 18.41
C LYS A 311 19.17 9.32 17.71
N THR A 312 18.99 10.05 16.61
CA THR A 312 20.14 10.55 15.87
C THR A 312 20.44 12.02 16.12
N TYR A 313 19.39 12.80 16.41
CA TYR A 313 19.50 14.23 16.66
C TYR A 313 18.81 14.61 17.97
N LYS A 314 19.41 14.23 19.08
CA LYS A 314 18.85 14.57 20.37
C LYS A 314 18.48 16.05 20.36
N GLY A 315 17.25 16.35 20.74
CA GLY A 315 16.84 17.74 20.77
C GLY A 315 16.11 18.19 19.53
N ILE A 316 15.91 17.28 18.56
CA ILE A 316 15.19 17.67 17.37
C ILE A 316 13.75 18.02 17.74
N ASP A 317 13.16 18.98 17.04
CA ASP A 317 11.80 19.38 17.36
C ASP A 317 10.76 18.69 16.45
N LEU A 318 10.20 17.59 16.95
CA LEU A 318 9.23 16.82 16.18
C LEU A 318 8.02 17.64 15.76
N ASP A 319 7.71 18.72 16.47
CA ASP A 319 6.59 19.58 16.11
C ASP A 319 6.86 20.23 14.76
N HIS A 320 8.08 20.12 14.28
CA HIS A 320 8.42 20.71 13.00
C HIS A 320 8.88 19.63 12.05
N LEU A 321 8.47 18.41 12.36
CA LEU A 321 8.74 17.29 11.47
C LEU A 321 7.44 17.31 10.70
N LYS A 322 7.51 17.56 9.39
CA LYS A 322 6.32 17.56 8.56
C LYS A 322 6.49 16.42 7.58
N MET A 323 5.76 15.33 7.80
CA MET A 323 5.85 14.19 6.90
C MET A 323 4.49 13.64 6.48
N ILE A 324 4.51 12.93 5.36
CA ILE A 324 3.30 12.29 4.84
C ILE A 324 3.73 10.94 4.32
N ALA A 325 3.05 9.90 4.78
CA ALA A 325 3.39 8.57 4.34
C ALA A 325 2.20 7.84 3.72
N TYR A 326 2.53 6.89 2.87
CA TYR A 326 1.55 6.03 2.23
C TYR A 326 2.15 4.62 2.32
N GLY A 327 1.90 3.95 3.46
CA GLY A 327 2.49 2.65 3.64
C GLY A 327 3.99 2.89 3.76
N ASP A 328 4.80 2.24 2.94
CA ASP A 328 6.24 2.43 3.03
C ASP A 328 6.72 3.74 2.42
N ASP A 329 6.08 4.18 1.35
CA ASP A 329 6.42 5.42 0.68
C ASP A 329 6.32 6.56 1.70
N VAL A 330 7.16 7.57 1.55
CA VAL A 330 7.13 8.72 2.47
C VAL A 330 7.81 9.93 1.89
N ILE A 331 7.31 11.10 2.25
CA ILE A 331 7.90 12.37 1.86
C ILE A 331 7.95 13.15 3.18
N ALA A 332 9.12 13.65 3.55
CA ALA A 332 9.25 14.37 4.82
C ALA A 332 10.02 15.69 4.72
N SER A 333 10.00 16.44 5.81
CA SER A 333 10.67 17.72 5.82
C SER A 333 10.95 18.22 7.23
N TYR A 334 11.95 19.10 7.33
CA TYR A 334 12.37 19.68 8.60
C TYR A 334 13.01 21.05 8.30
N PRO A 335 12.90 22.01 9.24
CA PRO A 335 13.48 23.35 9.00
C PRO A 335 14.97 23.32 8.70
N HIS A 336 15.65 22.30 9.20
CA HIS A 336 17.09 22.15 8.99
C HIS A 336 17.38 20.86 8.22
N GLU A 337 18.51 20.87 7.53
CA GLU A 337 18.91 19.73 6.75
C GLU A 337 19.23 18.59 7.71
N VAL A 338 19.16 17.35 7.23
CA VAL A 338 19.48 16.20 8.06
C VAL A 338 20.21 15.23 7.16
N ASP A 339 20.90 14.29 7.76
CA ASP A 339 21.66 13.30 7.02
C ASP A 339 20.79 12.05 6.83
N ALA A 340 20.25 11.85 5.63
CA ALA A 340 19.41 10.68 5.37
C ALA A 340 20.22 9.38 5.52
N SER A 341 21.48 9.44 5.09
CA SER A 341 22.36 8.29 5.17
C SER A 341 22.58 7.88 6.61
N LEU A 342 22.76 8.87 7.47
CA LEU A 342 22.98 8.64 8.90
C LEU A 342 21.70 8.04 9.46
N LEU A 343 20.55 8.64 9.12
CA LEU A 343 19.25 8.13 9.57
C LEU A 343 19.11 6.68 9.11
N ALA A 344 19.56 6.41 7.89
CA ALA A 344 19.49 5.06 7.32
C ALA A 344 20.24 4.08 8.20
N GLN A 345 21.38 4.54 8.73
CA GLN A 345 22.17 3.70 9.61
C GLN A 345 21.34 3.32 10.84
N SER A 346 20.75 4.29 11.53
CA SER A 346 19.93 3.99 12.70
C SER A 346 18.84 3.02 12.31
N GLY A 347 18.34 3.19 11.09
CA GLY A 347 17.29 2.32 10.59
C GLY A 347 17.62 0.85 10.73
N LYS A 348 18.80 0.45 10.28
CA LYS A 348 19.18 -0.96 10.38
C LYS A 348 19.03 -1.46 11.81
N ASP A 349 19.42 -0.63 12.78
CA ASP A 349 19.30 -1.04 14.18
C ASP A 349 17.86 -1.35 14.56
N TYR A 350 16.91 -0.79 13.83
CA TYR A 350 15.51 -1.04 14.14
C TYR A 350 14.85 -2.04 13.20
N GLY A 351 15.68 -2.71 12.39
CA GLY A 351 15.20 -3.71 11.46
C GLY A 351 14.72 -3.19 10.11
N LEU A 352 15.00 -1.93 9.83
CA LEU A 352 14.57 -1.33 8.59
C LEU A 352 15.74 -1.14 7.63
N THR A 353 15.52 -1.45 6.36
CA THR A 353 16.55 -1.28 5.35
C THR A 353 16.13 -0.08 4.51
N MET A 354 16.81 1.03 4.73
CA MET A 354 16.49 2.28 4.04
C MET A 354 17.58 2.64 3.05
N THR A 355 17.18 3.09 1.87
CA THR A 355 18.14 3.46 0.84
C THR A 355 17.73 4.74 0.14
N PRO A 356 18.71 5.41 -0.49
CA PRO A 356 18.51 6.67 -1.22
C PRO A 356 17.18 6.70 -1.94
N ALA A 357 16.45 7.79 -1.72
CA ALA A 357 15.14 7.97 -2.33
C ALA A 357 15.19 7.72 -3.84
N ASP A 358 14.43 6.72 -4.28
CA ASP A 358 14.33 6.35 -5.69
C ASP A 358 15.55 5.63 -6.27
N LYS A 359 15.90 4.49 -5.66
CA LYS A 359 17.02 3.68 -6.12
C LYS A 359 18.32 4.42 -6.49
N SER A 360 18.47 5.67 -6.06
CA SER A 360 19.67 6.44 -6.36
C SER A 360 20.90 5.68 -5.90
N ALA A 361 22.06 6.11 -6.38
CA ALA A 361 23.33 5.47 -6.01
C ALA A 361 23.64 5.79 -4.56
N THR A 362 23.40 7.04 -4.19
CA THR A 362 23.66 7.48 -2.83
C THR A 362 22.74 8.61 -2.45
N PHE A 363 22.70 8.91 -1.16
CA PHE A 363 21.87 9.97 -0.64
C PHE A 363 22.36 11.32 -1.10
N GLU A 364 21.49 12.04 -1.79
CA GLU A 364 21.79 13.36 -2.30
C GLU A 364 20.67 14.27 -1.82
N THR A 365 20.89 15.59 -1.87
CA THR A 365 19.88 16.52 -1.41
C THR A 365 18.55 16.30 -2.12
N VAL A 366 17.45 16.45 -1.40
CA VAL A 366 16.13 16.27 -1.99
C VAL A 366 15.53 17.63 -2.29
N THR A 367 15.06 17.81 -3.52
CA THR A 367 14.47 19.08 -3.94
C THR A 367 13.08 18.89 -4.53
N TRP A 368 12.40 19.99 -4.81
CA TRP A 368 11.06 19.92 -5.39
C TRP A 368 11.14 19.52 -6.85
N GLU A 369 12.35 19.47 -7.37
CA GLU A 369 12.60 19.13 -8.76
C GLU A 369 12.78 17.62 -8.88
N ASN A 370 13.41 17.00 -7.88
CA ASN A 370 13.67 15.56 -7.94
C ASN A 370 12.88 14.67 -6.98
N VAL A 371 12.11 15.26 -6.08
CA VAL A 371 11.36 14.43 -5.15
C VAL A 371 10.14 13.77 -5.81
N THR A 372 9.89 12.52 -5.46
CA THR A 372 8.75 11.78 -5.98
C THR A 372 8.01 11.22 -4.80
N PHE A 373 6.70 11.05 -4.97
CA PHE A 373 5.86 10.48 -3.93
C PHE A 373 4.84 9.69 -4.73
N LEU A 374 4.79 8.38 -4.49
CA LEU A 374 3.90 7.49 -5.23
C LEU A 374 4.27 7.47 -6.70
N LYS A 375 5.57 7.37 -6.95
CA LYS A 375 6.12 7.33 -8.30
C LYS A 375 5.93 8.64 -9.09
N ARG A 376 5.19 9.58 -8.50
CA ARG A 376 4.89 10.86 -9.14
C ARG A 376 5.79 12.02 -8.71
N PHE A 377 6.05 12.94 -9.65
CA PHE A 377 6.87 14.12 -9.37
C PHE A 377 5.92 15.28 -9.07
N PHE A 378 6.50 16.43 -8.75
CA PHE A 378 5.71 17.63 -8.49
C PHE A 378 6.19 18.65 -9.52
N ARG A 379 5.25 19.25 -10.24
CA ARG A 379 5.58 20.24 -11.26
C ARG A 379 4.49 21.30 -11.30
N ALA A 380 4.86 22.53 -10.98
CA ALA A 380 3.90 23.62 -10.99
C ALA A 380 3.46 23.84 -12.43
N ASP A 381 2.17 24.14 -12.61
CA ASP A 381 1.64 24.37 -13.96
C ASP A 381 2.08 25.70 -14.57
N GLU A 382 2.57 25.65 -15.81
CA GLU A 382 3.03 26.83 -16.53
C GLU A 382 2.14 28.05 -16.41
N LYS A 383 0.88 27.92 -16.83
CA LYS A 383 -0.05 29.04 -16.77
C LYS A 383 -0.47 29.48 -15.37
N TYR A 384 -0.62 28.53 -14.45
CA TYR A 384 -1.00 28.85 -13.08
C TYR A 384 -0.15 28.04 -12.12
N PRO A 385 1.05 28.54 -11.79
CA PRO A 385 2.04 27.92 -10.89
C PRO A 385 1.56 27.52 -9.50
N PHE A 386 0.47 28.10 -9.03
CA PHE A 386 0.01 27.72 -7.70
C PHE A 386 -0.71 26.37 -7.71
N LEU A 387 -0.91 25.83 -8.91
CA LEU A 387 -1.53 24.53 -9.08
C LEU A 387 -0.40 23.55 -9.40
N ILE A 388 -0.27 22.48 -8.61
CA ILE A 388 0.82 21.53 -8.82
C ILE A 388 0.43 20.23 -9.51
N HIS A 389 1.18 19.90 -10.54
CA HIS A 389 0.92 18.69 -11.32
C HIS A 389 1.57 17.46 -10.74
N PRO A 390 0.78 16.44 -10.44
CA PRO A 390 1.43 15.24 -9.91
C PRO A 390 1.88 14.58 -11.21
N VAL A 391 3.19 14.40 -11.42
CA VAL A 391 3.65 13.81 -12.68
C VAL A 391 4.22 12.40 -12.68
N MET A 392 3.41 11.46 -13.17
CA MET A 392 3.79 10.06 -13.28
C MET A 392 4.64 9.89 -14.54
N PRO A 393 5.84 9.32 -14.44
CA PRO A 393 6.66 9.16 -15.64
C PRO A 393 5.92 8.36 -16.73
N MET A 394 6.18 8.66 -17.99
CA MET A 394 5.53 7.96 -19.10
C MET A 394 5.91 6.49 -19.16
N LYS A 395 7.17 6.20 -18.83
CA LYS A 395 7.68 4.84 -18.84
C LYS A 395 6.74 3.89 -18.12
N GLU A 396 6.28 4.32 -16.94
CA GLU A 396 5.36 3.53 -16.12
C GLU A 396 4.09 3.23 -16.89
N ILE A 397 3.58 4.26 -17.56
CA ILE A 397 2.37 4.15 -18.36
C ILE A 397 2.61 3.26 -19.57
N HIS A 398 3.75 3.46 -20.22
CA HIS A 398 4.11 2.63 -21.38
C HIS A 398 4.13 1.17 -20.97
N GLU A 399 4.72 0.88 -19.81
CA GLU A 399 4.80 -0.49 -19.32
C GLU A 399 3.43 -1.08 -19.08
N SER A 400 2.54 -0.32 -18.46
CA SER A 400 1.21 -0.82 -18.15
C SER A 400 0.31 -1.08 -19.36
N ILE A 401 0.38 -0.21 -20.35
CA ILE A 401 -0.47 -0.34 -21.51
C ILE A 401 -0.17 -1.51 -22.44
N ARG A 402 1.09 -1.97 -22.45
CA ARG A 402 1.48 -3.09 -23.30
C ARG A 402 0.92 -4.45 -22.87
N TRP A 403 0.13 -4.48 -21.79
CA TRP A 403 -0.46 -5.74 -21.30
C TRP A 403 -1.92 -5.61 -20.91
N THR A 404 -2.58 -6.75 -20.72
CA THR A 404 -3.98 -6.75 -20.34
C THR A 404 -4.42 -8.04 -19.64
N LYS A 405 -5.43 -7.92 -18.79
CA LYS A 405 -5.97 -9.06 -18.05
C LYS A 405 -7.39 -9.35 -18.52
N ASP A 406 -8.02 -8.37 -19.11
CA ASP A 406 -9.37 -8.55 -19.60
C ASP A 406 -9.62 -7.53 -20.69
N PRO A 407 -9.88 -8.00 -21.93
CA PRO A 407 -10.12 -7.12 -23.07
C PRO A 407 -11.34 -6.23 -22.83
N ARG A 408 -12.25 -6.72 -21.98
CA ARG A 408 -13.47 -5.97 -21.67
C ARG A 408 -13.15 -4.68 -20.91
N ASN A 409 -12.05 -4.67 -20.16
CA ASN A 409 -11.65 -3.51 -19.39
C ASN A 409 -10.59 -2.66 -20.09
N THR A 410 -10.48 -2.78 -21.41
CA THR A 410 -9.49 -2.02 -22.15
C THR A 410 -9.82 -0.54 -22.14
N GLN A 411 -11.11 -0.23 -22.25
CA GLN A 411 -11.58 1.15 -22.24
C GLN A 411 -11.21 1.83 -20.93
N ASP A 412 -11.57 1.21 -19.81
CA ASP A 412 -11.29 1.76 -18.49
C ASP A 412 -9.81 1.81 -18.16
N HIS A 413 -9.08 0.78 -18.58
CA HIS A 413 -7.65 0.71 -18.32
C HIS A 413 -6.89 1.83 -19.07
N VAL A 414 -7.24 2.09 -20.33
CA VAL A 414 -6.52 3.13 -21.06
C VAL A 414 -6.97 4.50 -20.62
N ARG A 415 -8.26 4.64 -20.32
CA ARG A 415 -8.79 5.92 -19.84
C ARG A 415 -7.98 6.31 -18.59
N SER A 416 -7.80 5.34 -17.69
CA SER A 416 -7.06 5.55 -16.45
C SER A 416 -5.64 5.98 -16.71
N LEU A 417 -4.99 5.35 -17.69
CA LEU A 417 -3.62 5.74 -17.98
C LEU A 417 -3.61 7.17 -18.49
N CYS A 418 -4.68 7.56 -19.19
CA CYS A 418 -4.77 8.90 -19.72
C CYS A 418 -4.85 9.97 -18.65
N LEU A 419 -5.57 9.66 -17.57
CA LEU A 419 -5.72 10.61 -16.47
C LEU A 419 -4.38 10.80 -15.73
N LEU A 420 -3.47 9.86 -15.91
CA LEU A 420 -2.17 9.95 -15.28
C LEU A 420 -1.19 10.65 -16.20
N ALA A 421 -1.23 10.27 -17.47
CA ALA A 421 -0.32 10.79 -18.49
C ALA A 421 -0.37 12.26 -18.87
N TRP A 422 -1.55 12.82 -19.05
CA TRP A 422 -1.63 14.22 -19.49
C TRP A 422 -0.85 15.24 -18.68
N HIS A 423 -0.54 14.92 -17.42
CA HIS A 423 0.21 15.85 -16.57
C HIS A 423 1.63 15.99 -17.09
N ASN A 424 2.00 15.16 -18.06
CA ASN A 424 3.33 15.22 -18.66
C ASN A 424 3.36 16.27 -19.76
N GLY A 425 2.30 17.07 -19.86
CA GLY A 425 2.25 18.10 -20.88
C GLY A 425 1.47 17.73 -22.13
N GLU A 426 0.93 18.73 -22.81
CA GLU A 426 0.16 18.49 -24.01
C GLU A 426 0.93 17.79 -25.14
N GLU A 427 2.19 18.14 -25.33
CA GLU A 427 2.95 17.50 -26.39
C GLU A 427 3.05 15.99 -26.18
N GLU A 428 3.51 15.59 -24.99
CA GLU A 428 3.65 14.17 -24.67
C GLU A 428 2.33 13.43 -24.73
N TYR A 429 1.30 14.04 -24.17
CA TYR A 429 -0.01 13.43 -24.17
C TYR A 429 -0.54 13.11 -25.58
N ASN A 430 -0.37 14.05 -26.51
CA ASN A 430 -0.84 13.85 -27.89
C ASN A 430 -0.07 12.76 -28.63
N LYS A 431 1.21 12.57 -28.33
CA LYS A 431 1.99 11.48 -28.95
C LYS A 431 1.40 10.18 -28.43
N PHE A 432 1.15 10.16 -27.13
CA PHE A 432 0.55 9.01 -26.46
C PHE A 432 -0.78 8.65 -27.14
N LEU A 433 -1.67 9.63 -27.33
CA LEU A 433 -2.95 9.35 -27.99
C LEU A 433 -2.75 8.88 -29.42
N ALA A 434 -1.76 9.45 -30.10
CA ALA A 434 -1.48 9.10 -31.48
C ALA A 434 -1.12 7.62 -31.61
N LYS A 435 -0.17 7.15 -30.80
CA LYS A 435 0.20 5.76 -30.87
C LYS A 435 -0.98 4.88 -30.48
N ILE A 436 -1.79 5.34 -29.53
CA ILE A 436 -2.94 4.53 -29.13
C ILE A 436 -3.85 4.34 -30.34
N ARG A 437 -4.10 5.43 -31.08
CA ARG A 437 -4.97 5.40 -32.25
C ARG A 437 -4.31 4.90 -33.53
N SER A 438 -3.12 4.33 -33.41
CA SER A 438 -2.40 3.81 -34.57
C SER A 438 -2.69 2.33 -34.78
N VAL A 439 -3.72 1.81 -34.12
CA VAL A 439 -4.14 0.41 -34.26
C VAL A 439 -5.65 0.39 -34.05
N PRO A 440 -6.35 -0.56 -34.67
CA PRO A 440 -7.81 -0.65 -34.54
C PRO A 440 -8.39 -0.50 -33.15
N ILE A 441 -7.88 -1.27 -32.19
CA ILE A 441 -8.39 -1.21 -30.83
C ILE A 441 -8.40 0.21 -30.26
N GLY A 442 -7.27 0.90 -30.37
CA GLY A 442 -7.17 2.25 -29.87
C GLY A 442 -8.13 3.23 -30.54
N ARG A 443 -8.25 3.16 -31.85
CA ARG A 443 -9.14 4.08 -32.54
C ARG A 443 -10.61 3.96 -32.13
N ALA A 444 -10.98 2.84 -31.52
CA ALA A 444 -12.36 2.61 -31.11
C ALA A 444 -12.69 3.04 -29.67
N LEU A 445 -11.68 3.51 -28.95
CA LEU A 445 -11.83 3.93 -27.57
C LEU A 445 -12.25 5.39 -27.48
N ASP A 446 -12.97 5.74 -26.42
CA ASP A 446 -13.41 7.12 -26.18
C ASP A 446 -12.41 7.73 -25.17
N LEU A 447 -11.40 8.42 -25.68
CA LEU A 447 -10.38 9.03 -24.85
C LEU A 447 -10.49 10.55 -24.85
N PRO A 448 -10.31 11.18 -23.69
CA PRO A 448 -10.38 12.64 -23.52
C PRO A 448 -9.17 13.33 -24.10
N GLU A 449 -9.40 14.43 -24.81
CA GLU A 449 -8.31 15.19 -25.41
C GLU A 449 -7.69 16.03 -24.31
N TYR A 450 -6.49 16.52 -24.57
CA TYR A 450 -5.76 17.34 -23.62
C TYR A 450 -6.58 18.47 -23.01
N SER A 451 -7.04 19.37 -23.86
CA SER A 451 -7.81 20.51 -23.41
C SER A 451 -8.93 20.10 -22.44
N THR A 452 -9.67 19.04 -22.76
CA THR A 452 -10.75 18.64 -21.87
C THR A 452 -10.23 18.32 -20.47
N LEU A 453 -9.14 17.56 -20.40
CA LEU A 453 -8.56 17.19 -19.12
C LEU A 453 -8.00 18.36 -18.32
N TYR A 454 -7.22 19.20 -18.99
CA TYR A 454 -6.60 20.35 -18.33
C TYR A 454 -7.60 21.37 -17.79
N ASP A 455 -8.73 21.52 -18.48
CA ASP A 455 -9.76 22.45 -18.04
C ASP A 455 -10.47 21.87 -16.84
N ARG A 456 -10.88 20.62 -16.94
CA ARG A 456 -11.56 19.97 -15.83
C ARG A 456 -10.67 20.10 -14.58
N TRP A 457 -9.37 19.94 -14.76
CA TRP A 457 -8.42 20.04 -13.65
C TRP A 457 -8.50 21.42 -13.02
N LEU A 458 -8.31 22.46 -13.83
CA LEU A 458 -8.36 23.83 -13.35
C LEU A 458 -9.60 24.17 -12.53
N ASP A 459 -10.76 23.64 -12.91
CA ASP A 459 -12.00 23.93 -12.17
C ASP A 459 -12.26 23.06 -10.95
N SER A 460 -11.51 21.97 -10.85
CA SER A 460 -11.67 20.99 -9.76
C SER A 460 -11.32 21.48 -8.36
N PHE A 461 -10.55 22.55 -8.27
CA PHE A 461 -10.15 23.05 -6.96
C PHE A 461 -11.24 23.80 -6.18
#